data_9H81
#
_entry.id   9H81
#
_cell.length_a   62.625
_cell.length_b   71.232
_cell.length_c   121.870
_cell.angle_alpha   90.000
_cell.angle_beta   90.000
_cell.angle_gamma   90.000
#
_symmetry.space_group_name_H-M   'P 21 21 21'
#
loop_
_entity.id
_entity.type
_entity.pdbx_description
1 polymer 'Carbonic anhydrase 1'
2 non-polymer 'ZINC ION'
3 non-polymer Sonepiprazole
4 water water
#
_entity_poly.entity_id   1
_entity_poly.type   'polypeptide(L)'
_entity_poly.pdbx_seq_one_letter_code
;MASPDWGYDDKNGPEQWSKLYPIANGNNQSPVDIKTSETKHDTSLKPISVSYNPATAKEIINVGHSFHVNFEDNDNRSVL
KGGPFSDSYRLFQFHFHWGSTNEHGSEHTVDGVKYSAELHVAHWNSAKYSSLAEAASKADGLAVIGVLMKVGEANPKLQK
VLDALQAIKTKGKRAPFTNFDPSTLLPSSLDFWTYPGSLTHPPLYESVTWIICKESISVSSEQLAQFRSLLSNVEGDNAV
PMQHNNRPTQPLKGRTVRASF
;
_entity_poly.pdbx_strand_id   AAA,BBB
#
loop_
_chem_comp.id
_chem_comp.type
_chem_comp.name
_chem_comp.formula
A1IS9 non-polymer Sonepiprazole 'C21 H27 N3 O3 S'
ZN non-polymer 'ZINC ION' 'Zn 2'
#
# COMPACT_ATOMS: atom_id res chain seq x y z
N TRP A 6 7.11 20.81 -8.91
CA TRP A 6 7.50 20.78 -7.46
C TRP A 6 7.03 19.48 -6.82
N GLY A 7 7.72 18.98 -5.81
CA GLY A 7 7.32 17.76 -5.11
C GLY A 7 8.10 17.58 -3.85
N TYR A 8 8.29 16.33 -3.43
CA TYR A 8 9.06 15.97 -2.23
C TYR A 8 10.28 15.10 -2.60
N ASP A 9 10.51 14.84 -3.90
CA ASP A 9 11.67 14.01 -4.34
C ASP A 9 12.96 14.81 -4.15
N ASP A 10 14.10 14.12 -4.21
CA ASP A 10 15.45 14.73 -4.30
C ASP A 10 15.37 15.96 -5.22
N LYS A 11 14.94 15.78 -6.47
CA LYS A 11 15.16 16.76 -7.57
C LYS A 11 14.15 17.91 -7.53
N ASN A 12 12.98 17.77 -6.89
CA ASN A 12 11.91 18.82 -6.89
C ASN A 12 11.54 19.25 -5.46
N GLY A 13 12.23 18.71 -4.45
CA GLY A 13 11.83 18.74 -3.03
C GLY A 13 12.06 20.08 -2.34
N PRO A 14 11.75 20.15 -1.02
CA PRO A 14 11.78 21.39 -0.27
C PRO A 14 13.07 22.22 -0.35
N GLU A 15 14.22 21.58 -0.59
CA GLU A 15 15.54 22.28 -0.68
C GLU A 15 15.62 23.05 -2.03
N GLN A 16 14.89 22.59 -3.06
CA GLN A 16 14.90 23.16 -4.44
C GLN A 16 13.82 24.25 -4.61
N TRP A 17 12.87 24.35 -3.66
CA TRP A 17 11.61 25.14 -3.81
C TRP A 17 11.90 26.62 -4.05
N SER A 18 13.00 27.15 -3.51
CA SER A 18 13.36 28.59 -3.58
C SER A 18 13.62 29.01 -5.02
N LYS A 19 14.05 28.08 -5.88
CA LYS A 19 14.34 28.31 -7.32
C LYS A 19 13.08 28.85 -8.01
N LEU A 20 11.93 28.19 -7.79
CA LEU A 20 10.63 28.54 -8.43
C LEU A 20 9.85 29.51 -7.54
N TYR A 21 10.01 29.45 -6.20
CA TYR A 21 9.22 30.23 -5.20
C TYR A 21 10.17 30.89 -4.22
N PRO A 22 10.70 32.08 -4.56
CA PRO A 22 11.68 32.78 -3.72
C PRO A 22 11.21 33.06 -2.28
N ILE A 23 9.89 33.04 -2.05
CA ILE A 23 9.31 33.26 -0.69
C ILE A 23 9.78 32.10 0.22
N ALA A 24 10.25 30.99 -0.36
CA ALA A 24 10.72 29.81 0.39
C ALA A 24 11.69 30.24 1.51
N ASN A 25 12.55 31.22 1.22
CA ASN A 25 13.57 31.76 2.15
C ASN A 25 13.05 33.07 2.79
N GLY A 26 11.73 33.29 2.85
CA GLY A 26 11.12 34.48 3.50
C GLY A 26 11.26 34.44 5.02
N ASN A 27 10.61 35.37 5.71
CA ASN A 27 10.75 35.56 7.18
C ASN A 27 9.60 34.91 7.94
N ASN A 28 8.54 34.43 7.25
CA ASN A 28 7.30 33.91 7.90
C ASN A 28 6.98 32.51 7.37
N GLN A 29 8.00 31.68 7.15
CA GLN A 29 7.83 30.33 6.58
C GLN A 29 7.46 29.32 7.67
N SER A 30 6.62 28.35 7.30
CA SER A 30 6.13 27.24 8.14
C SER A 30 6.56 25.95 7.48
N PRO A 31 6.73 24.84 8.24
CA PRO A 31 6.51 24.83 9.68
C PRO A 31 7.74 25.28 10.50
N VAL A 32 7.57 25.28 11.83
CA VAL A 32 8.63 25.68 12.81
C VAL A 32 8.69 24.65 13.95
N ASP A 33 9.84 24.65 14.62
CA ASP A 33 10.03 23.94 15.91
C ASP A 33 9.55 24.90 16.99
N ILE A 34 8.49 24.51 17.71
CA ILE A 34 7.98 25.24 18.90
C ILE A 34 8.89 24.90 20.08
N LYS A 35 9.67 25.88 20.57
CA LYS A 35 10.49 25.73 21.81
C LYS A 35 9.64 26.17 23.00
N THR A 36 9.23 25.24 23.87
CA THR A 36 8.27 25.52 24.98
C THR A 36 8.85 26.56 25.94
N SER A 37 10.16 26.55 26.19
CA SER A 37 10.85 27.50 27.10
C SER A 37 10.79 28.92 26.52
N GLU A 38 10.70 29.07 25.19
CA GLU A 38 10.72 30.39 24.49
C GLU A 38 9.30 30.86 24.12
N THR A 39 8.22 30.12 24.38
CA THR A 39 6.84 30.61 24.12
C THR A 39 6.41 31.61 25.21
N LYS A 40 5.30 32.31 24.99
CA LYS A 40 4.81 33.37 25.90
C LYS A 40 3.31 33.21 26.12
N HIS A 41 2.89 32.88 27.35
CA HIS A 41 1.45 32.85 27.73
C HIS A 41 0.86 34.22 27.40
N ASP A 42 -0.10 34.25 26.47
CA ASP A 42 -0.81 35.48 26.07
C ASP A 42 -2.21 35.44 26.65
N THR A 43 -2.56 36.52 27.36
CA THR A 43 -3.73 36.70 28.24
C THR A 43 -5.00 36.86 27.38
N SER A 44 -4.89 37.57 26.24
CA SER A 44 -6.02 37.99 25.37
C SER A 44 -6.46 36.89 24.38
N LEU A 45 -5.79 35.72 24.37
CA LEU A 45 -6.22 34.56 23.52
C LEU A 45 -7.50 33.98 24.12
N LYS A 46 -8.61 34.06 23.36
CA LYS A 46 -9.87 33.35 23.68
C LYS A 46 -9.71 31.88 23.33
N PRO A 47 -10.58 30.99 23.85
CA PRO A 47 -10.61 29.62 23.37
C PRO A 47 -11.00 29.54 21.90
N ILE A 48 -10.63 28.43 21.28
CA ILE A 48 -10.99 28.03 19.91
C ILE A 48 -12.41 27.49 19.95
N SER A 49 -13.27 28.08 19.13
CA SER A 49 -14.61 27.55 18.83
C SER A 49 -14.59 27.01 17.39
N VAL A 50 -14.80 25.71 17.20
CA VAL A 50 -15.14 25.12 15.87
C VAL A 50 -16.61 24.69 15.87
N SER A 51 -17.33 25.06 14.81
CA SER A 51 -18.73 24.65 14.58
C SER A 51 -18.85 24.26 13.11
N TYR A 52 -18.69 22.98 12.82
CA TYR A 52 -18.74 22.45 11.44
C TYR A 52 -20.07 21.73 11.22
N ASN A 53 -20.61 21.91 10.01
CA ASN A 53 -21.82 21.23 9.49
C ASN A 53 -21.38 20.05 8.61
N PRO A 54 -21.71 18.79 8.98
CA PRO A 54 -21.22 17.63 8.22
C PRO A 54 -21.74 17.61 6.77
N ALA A 55 -22.81 18.36 6.45
CA ALA A 55 -23.36 18.47 5.08
C ALA A 55 -22.45 19.32 4.17
N THR A 56 -21.42 20.03 4.70
CA THR A 56 -20.49 20.87 3.87
C THR A 56 -19.35 20.05 3.28
N ALA A 57 -19.14 18.81 3.74
CA ALA A 57 -18.17 17.84 3.17
C ALA A 57 -18.56 17.51 1.72
N LYS A 58 -17.62 17.48 0.79
CA LYS A 58 -17.97 17.48 -0.65
C LYS A 58 -17.25 16.33 -1.36
N GLU A 59 -15.93 16.27 -1.29
CA GLU A 59 -15.10 15.54 -2.27
C GLU A 59 -13.73 15.21 -1.68
N ILE A 60 -13.21 14.01 -1.98
CA ILE A 60 -11.84 13.62 -1.62
C ILE A 60 -11.08 13.45 -2.93
N ILE A 61 -9.84 13.95 -2.99
CA ILE A 61 -9.06 14.07 -4.25
C ILE A 61 -7.64 13.61 -4.00
N ASN A 62 -7.07 12.89 -4.97
CA ASN A 62 -5.64 12.49 -4.98
C ASN A 62 -4.91 13.54 -5.81
N VAL A 63 -4.07 14.34 -5.17
CA VAL A 63 -3.34 15.48 -5.80
C VAL A 63 -1.87 15.09 -6.04
N GLY A 64 -1.50 13.82 -5.87
CA GLY A 64 -0.22 13.29 -6.38
C GLY A 64 0.90 13.40 -5.35
N HIS A 65 0.95 14.49 -4.58
CA HIS A 65 1.86 14.65 -3.42
C HIS A 65 1.13 14.30 -2.12
N SER A 66 -0.19 14.19 -2.15
CA SER A 66 -1.04 14.05 -0.95
C SER A 66 -2.47 13.78 -1.39
N PHE A 67 -3.41 13.93 -0.47
CA PHE A 67 -4.86 13.89 -0.76
C PHE A 67 -5.54 14.94 0.10
N HIS A 68 -6.62 15.50 -0.43
CA HIS A 68 -7.38 16.61 0.17
C HIS A 68 -8.83 16.16 0.34
N VAL A 69 -9.45 16.51 1.45
CA VAL A 69 -10.92 16.44 1.61
C VAL A 69 -11.41 17.88 1.54
N ASN A 70 -12.11 18.23 0.47
CA ASN A 70 -12.62 19.60 0.22
C ASN A 70 -14.06 19.71 0.73
N PHE A 71 -14.41 20.93 1.15
CA PHE A 71 -15.73 21.31 1.72
C PHE A 71 -16.35 22.40 0.84
N GLU A 72 -17.68 22.44 0.77
CA GLU A 72 -18.48 23.59 0.26
C GLU A 72 -18.16 24.79 1.16
N ASP A 73 -17.76 25.92 0.59
CA ASP A 73 -17.42 27.15 1.35
C ASP A 73 -18.19 28.36 0.79
N ASN A 74 -19.48 28.20 0.49
CA ASN A 74 -20.33 29.25 -0.15
C ASN A 74 -21.03 30.08 0.93
N ASP A 75 -21.11 29.56 2.16
CA ASP A 75 -21.78 30.22 3.31
C ASP A 75 -21.06 29.84 4.60
N ASN A 76 -21.56 30.30 5.74
CA ASN A 76 -20.89 30.20 7.06
C ASN A 76 -21.44 29.04 7.88
N ARG A 77 -21.79 27.92 7.24
CA ARG A 77 -22.27 26.69 7.93
C ARG A 77 -21.12 26.05 8.73
N SER A 78 -19.87 26.21 8.29
CA SER A 78 -18.67 25.58 8.90
C SER A 78 -17.61 26.64 9.21
N VAL A 79 -17.45 26.98 10.49
CA VAL A 79 -16.62 28.17 10.85
C VAL A 79 -15.68 27.84 12.00
N LEU A 80 -14.53 28.50 11.97
CA LEU A 80 -13.58 28.62 13.10
C LEU A 80 -13.67 30.05 13.63
N LYS A 81 -13.80 30.20 14.96
CA LYS A 81 -13.88 31.50 15.68
C LYS A 81 -12.95 31.43 16.89
N GLY A 82 -12.70 32.59 17.51
CA GLY A 82 -12.02 32.67 18.82
C GLY A 82 -10.51 32.60 18.65
N GLY A 83 -9.81 32.04 19.62
CA GLY A 83 -8.35 32.03 19.63
C GLY A 83 -7.84 33.45 19.49
N PRO A 84 -6.92 33.72 18.54
CA PRO A 84 -6.42 35.08 18.31
C PRO A 84 -7.24 35.93 17.33
N PHE A 85 -8.44 35.51 16.93
CA PHE A 85 -9.20 36.08 15.78
C PHE A 85 -10.39 36.92 16.24
N SER A 86 -10.52 38.13 15.68
CA SER A 86 -11.79 38.92 15.66
C SER A 86 -12.77 38.26 14.70
N ASP A 87 -12.26 37.91 13.51
CA ASP A 87 -13.05 37.49 12.33
C ASP A 87 -13.48 36.03 12.46
N SER A 88 -14.51 35.63 11.71
CA SER A 88 -14.94 34.23 11.50
C SER A 88 -14.17 33.66 10.29
N TYR A 89 -13.62 32.44 10.39
CA TYR A 89 -12.96 31.75 9.24
C TYR A 89 -13.78 30.53 8.81
N ARG A 90 -13.96 30.37 7.50
CA ARG A 90 -14.81 29.33 6.86
C ARG A 90 -13.94 28.12 6.47
N LEU A 91 -14.33 26.92 6.90
CA LEU A 91 -13.61 25.65 6.61
C LEU A 91 -13.59 25.47 5.10
N PHE A 92 -12.47 25.05 4.49
CA PHE A 92 -12.52 24.66 3.05
C PHE A 92 -11.86 23.31 2.77
N GLN A 93 -10.98 22.81 3.63
CA GLN A 93 -10.28 21.53 3.37
C GLN A 93 -9.62 21.01 4.65
N PHE A 94 -9.40 19.70 4.72
CA PHE A 94 -8.40 19.11 5.63
C PHE A 94 -7.60 18.08 4.83
N HIS A 95 -6.40 17.82 5.33
CA HIS A 95 -5.42 16.88 4.77
C HIS A 95 -4.37 16.51 5.84
N PHE A 96 -3.47 15.61 5.50
CA PHE A 96 -2.42 15.11 6.41
C PHE A 96 -1.10 15.32 5.72
N HIS A 97 -0.05 15.35 6.52
CA HIS A 97 1.34 15.08 6.11
C HIS A 97 1.82 13.85 6.88
N TRP A 98 2.79 13.15 6.32
CA TRP A 98 3.37 11.90 6.88
C TRP A 98 4.78 11.73 6.33
N GLY A 99 5.56 10.82 6.90
CA GLY A 99 6.97 10.61 6.52
C GLY A 99 7.20 9.21 5.99
N SER A 100 8.41 8.94 5.51
CA SER A 100 8.91 7.63 4.98
C SER A 100 8.66 6.53 6.01
N THR A 101 9.02 6.78 7.27
CA THR A 101 8.78 5.89 8.44
C THR A 101 8.05 6.65 9.56
N ASN A 102 7.70 5.92 10.61
CA ASN A 102 7.07 6.42 11.86
C ASN A 102 7.98 7.43 12.59
N GLU A 103 9.31 7.33 12.44
CA GLU A 103 10.31 8.18 13.15
C GLU A 103 10.03 9.67 12.88
N HIS A 104 9.68 10.04 11.65
CA HIS A 104 9.34 11.44 11.26
C HIS A 104 7.98 11.42 10.55
N GLY A 105 7.50 12.57 10.10
CA GLY A 105 6.21 12.65 9.38
C GLY A 105 5.49 13.96 9.64
N SER A 106 5.56 14.48 10.86
CA SER A 106 5.00 15.80 11.23
C SER A 106 5.77 16.92 10.52
N GLU A 107 5.14 18.09 10.38
CA GLU A 107 5.79 19.28 9.84
C GLU A 107 6.30 20.08 11.02
N HIS A 108 5.41 20.36 11.96
CA HIS A 108 5.80 21.02 13.22
C HIS A 108 6.48 19.99 14.11
N THR A 109 7.47 20.44 14.87
CA THR A 109 8.16 19.69 15.94
C THR A 109 7.95 20.49 17.23
N VAL A 110 7.93 19.81 18.37
CA VAL A 110 7.81 20.44 19.71
C VAL A 110 9.05 20.07 20.52
N ASP A 111 9.90 21.06 20.80
CA ASP A 111 11.17 20.88 21.55
C ASP A 111 12.02 19.85 20.80
N GLY A 112 12.00 19.91 19.46
CA GLY A 112 12.78 19.06 18.54
C GLY A 112 12.21 17.65 18.35
N VAL A 113 11.07 17.32 18.97
CA VAL A 113 10.48 15.96 18.88
C VAL A 113 9.62 15.93 17.62
N LYS A 114 9.87 14.97 16.74
CA LYS A 114 9.14 14.77 15.47
C LYS A 114 8.02 13.77 15.78
N TYR A 115 6.81 14.02 15.29
CA TYR A 115 5.70 13.06 15.39
C TYR A 115 5.59 12.36 14.04
N SER A 116 4.68 11.41 13.92
CA SER A 116 4.58 10.45 12.79
C SER A 116 3.78 11.05 11.64
N ALA A 117 2.92 12.02 11.94
CA ALA A 117 2.02 12.65 10.96
C ALA A 117 1.45 13.94 11.55
N GLU A 118 0.82 14.76 10.73
CA GLU A 118 0.17 16.02 11.17
C GLU A 118 -1.14 16.19 10.39
N LEU A 119 -2.23 16.48 11.10
CA LEU A 119 -3.53 16.87 10.49
C LEU A 119 -3.61 18.40 10.36
N HIS A 120 -3.87 18.91 9.17
CA HIS A 120 -4.16 20.33 8.88
C HIS A 120 -5.63 20.51 8.51
N VAL A 121 -6.32 21.38 9.25
CA VAL A 121 -7.68 21.89 8.93
C VAL A 121 -7.55 23.36 8.51
N ALA A 122 -7.79 23.63 7.22
CA ALA A 122 -7.58 24.96 6.62
C ALA A 122 -8.90 25.73 6.48
N HIS A 123 -8.87 27.03 6.76
CA HIS A 123 -10.03 27.97 6.75
C HIS A 123 -9.62 29.31 6.10
N TRP A 124 -10.57 30.03 5.49
CA TRP A 124 -10.28 31.37 4.90
C TRP A 124 -11.15 32.46 5.53
N ASN A 125 -10.61 33.67 5.55
CA ASN A 125 -11.21 34.82 6.25
C ASN A 125 -12.37 35.35 5.40
N SER A 126 -13.57 34.90 5.73
CA SER A 126 -14.81 35.25 5.01
C SER A 126 -15.44 36.55 5.59
N ALA A 127 -14.92 37.09 6.69
CA ALA A 127 -15.33 38.43 7.20
C ALA A 127 -14.81 39.52 6.24
N LYS A 128 -13.58 39.38 5.75
CA LYS A 128 -12.81 40.47 5.07
C LYS A 128 -12.70 40.24 3.57
N TYR A 129 -12.78 38.99 3.10
CA TYR A 129 -12.57 38.60 1.68
C TYR A 129 -13.77 37.82 1.19
N SER A 130 -13.98 37.81 -0.14
CA SER A 130 -15.15 37.21 -0.83
C SER A 130 -14.90 35.73 -1.19
N SER A 131 -13.65 35.34 -1.41
CA SER A 131 -13.34 33.94 -1.85
C SER A 131 -12.04 33.44 -1.23
N LEU A 132 -11.79 32.14 -1.37
CA LEU A 132 -10.47 31.53 -1.10
C LEU A 132 -9.42 32.20 -2.00
N ALA A 133 -9.70 32.29 -3.29
CA ALA A 133 -8.85 32.98 -4.31
C ALA A 133 -8.30 34.31 -3.74
N GLU A 134 -9.15 35.16 -3.18
CA GLU A 134 -8.71 36.51 -2.71
C GLU A 134 -7.98 36.39 -1.36
N ALA A 135 -8.51 35.59 -0.42
CA ALA A 135 -7.97 35.43 0.96
C ALA A 135 -6.57 34.79 0.94
N ALA A 136 -6.29 33.91 -0.01
CA ALA A 136 -5.18 32.93 0.04
C ALA A 136 -3.82 33.64 0.14
N SER A 137 -3.67 34.81 -0.48
CA SER A 137 -2.38 35.56 -0.58
C SER A 137 -2.30 36.67 0.48
N LYS A 138 -3.27 36.79 1.38
CA LYS A 138 -3.39 37.93 2.32
C LYS A 138 -2.76 37.56 3.67
N ALA A 139 -2.14 38.52 4.35
CA ALA A 139 -1.47 38.29 5.66
C ALA A 139 -2.44 37.62 6.65
N ASP A 140 -3.71 38.05 6.68
CA ASP A 140 -4.75 37.60 7.65
C ASP A 140 -5.76 36.63 7.00
N GLY A 141 -5.44 36.03 5.84
CA GLY A 141 -6.41 35.35 4.96
C GLY A 141 -6.71 33.90 5.34
N LEU A 142 -5.70 33.14 5.81
CA LEU A 142 -5.86 31.70 6.15
C LEU A 142 -5.59 31.44 7.65
N ALA A 143 -6.33 30.46 8.18
CA ALA A 143 -6.19 29.88 9.54
C ALA A 143 -6.11 28.37 9.36
N VAL A 144 -4.97 27.77 9.72
CA VAL A 144 -4.84 26.30 9.72
C VAL A 144 -4.63 25.81 11.16
N ILE A 145 -5.46 24.88 11.61
CA ILE A 145 -5.25 24.10 12.85
C ILE A 145 -4.30 22.96 12.49
N GLY A 146 -3.25 22.80 13.26
CA GLY A 146 -2.39 21.62 13.14
C GLY A 146 -2.53 20.74 14.37
N VAL A 147 -2.78 19.45 14.17
CA VAL A 147 -2.77 18.42 15.25
C VAL A 147 -1.62 17.45 14.98
N LEU A 148 -0.81 17.20 15.99
CA LEU A 148 0.30 16.24 15.85
C LEU A 148 -0.29 14.84 16.05
N MET A 149 0.21 13.90 15.25
CA MET A 149 -0.27 12.50 15.26
C MET A 149 0.87 11.61 15.76
N LYS A 150 0.68 11.05 16.96
CA LYS A 150 1.65 10.18 17.65
C LYS A 150 1.30 8.73 17.29
N VAL A 151 2.26 7.99 16.76
CA VAL A 151 2.11 6.54 16.47
C VAL A 151 1.75 5.84 17.79
N GLY A 152 0.69 5.03 17.77
CA GLY A 152 0.24 4.16 18.87
C GLY A 152 -0.99 3.39 18.44
N GLU A 153 -2.09 3.61 19.15
CA GLU A 153 -3.37 2.87 18.97
C GLU A 153 -4.13 3.40 17.73
N ALA A 154 -4.76 2.50 17.00
CA ALA A 154 -5.61 2.80 15.83
C ALA A 154 -6.60 3.89 16.23
N ASN A 155 -6.75 4.91 15.40
CA ASN A 155 -7.69 6.04 15.59
C ASN A 155 -8.95 5.70 14.82
N PRO A 156 -10.03 5.25 15.49
CA PRO A 156 -11.24 4.90 14.75
C PRO A 156 -11.93 6.08 14.02
N LYS A 157 -11.76 7.32 14.48
CA LYS A 157 -12.32 8.54 13.81
C LYS A 157 -11.69 8.77 12.42
N LEU A 158 -10.49 8.23 12.14
CA LEU A 158 -9.83 8.26 10.81
C LEU A 158 -10.49 7.30 9.81
N GLN A 159 -11.32 6.37 10.28
CA GLN A 159 -11.80 5.19 9.51
C GLN A 159 -12.47 5.63 8.21
N LYS A 160 -13.45 6.55 8.29
CA LYS A 160 -14.20 7.00 7.09
C LYS A 160 -13.23 7.58 6.07
N VAL A 161 -12.14 8.24 6.51
CA VAL A 161 -11.11 8.83 5.58
C VAL A 161 -10.35 7.69 4.92
N LEU A 162 -9.82 6.79 5.75
CA LEU A 162 -9.02 5.62 5.28
C LEU A 162 -9.86 4.74 4.36
N ASP A 163 -11.11 4.49 4.70
CA ASP A 163 -12.05 3.64 3.92
C ASP A 163 -12.27 4.25 2.53
N ALA A 164 -12.16 5.58 2.37
CA ALA A 164 -12.36 6.29 1.09
C ALA A 164 -11.12 6.19 0.21
N LEU A 165 -9.93 5.90 0.74
CA LEU A 165 -8.68 6.00 -0.06
C LEU A 165 -8.67 4.98 -1.20
N GLN A 166 -9.36 3.81 -1.08
CA GLN A 166 -9.35 2.76 -2.14
C GLN A 166 -9.96 3.30 -3.45
N ALA A 167 -10.78 4.35 -3.40
CA ALA A 167 -11.47 4.90 -4.59
C ALA A 167 -10.67 6.05 -5.21
N ILE A 168 -9.55 6.46 -4.62
CA ILE A 168 -8.70 7.57 -5.15
C ILE A 168 -7.24 7.17 -5.08
N LYS A 169 -6.91 5.97 -5.58
CA LYS A 169 -5.57 5.36 -5.45
C LYS A 169 -4.50 6.13 -6.24
N THR A 170 -4.83 6.69 -7.41
CA THR A 170 -3.87 7.28 -8.39
C THR A 170 -4.12 8.78 -8.52
N LYS A 171 -3.12 9.55 -8.97
CA LYS A 171 -3.17 11.03 -9.16
C LYS A 171 -4.36 11.45 -10.04
N GLY A 172 -5.14 12.43 -9.58
CA GLY A 172 -6.29 12.98 -10.33
C GLY A 172 -7.61 12.31 -9.99
N LYS A 173 -7.60 11.12 -9.39
CA LYS A 173 -8.84 10.40 -9.05
C LYS A 173 -9.53 11.17 -7.91
N ARG A 174 -10.85 11.19 -7.92
CA ARG A 174 -11.65 11.92 -6.92
C ARG A 174 -12.95 11.15 -6.72
N ALA A 175 -13.61 11.37 -5.60
CA ALA A 175 -14.93 10.78 -5.32
C ALA A 175 -15.68 11.69 -4.37
N PRO A 176 -17.01 11.58 -4.38
CA PRO A 176 -17.83 12.21 -3.36
C PRO A 176 -17.36 11.80 -1.96
N PHE A 177 -17.42 12.74 -1.03
CA PHE A 177 -17.06 12.56 0.39
C PHE A 177 -17.99 13.47 1.16
N THR A 178 -19.08 12.91 1.68
CA THR A 178 -20.22 13.66 2.27
C THR A 178 -20.45 13.21 3.72
N ASN A 179 -21.19 14.02 4.47
CA ASN A 179 -21.72 13.68 5.82
C ASN A 179 -20.55 13.46 6.78
N PHE A 180 -19.64 14.43 6.91
CA PHE A 180 -18.42 14.32 7.76
C PHE A 180 -18.06 15.67 8.40
N ASP A 181 -18.00 15.63 9.74
CA ASP A 181 -17.62 16.74 10.64
C ASP A 181 -16.18 16.46 11.10
N PRO A 182 -15.18 17.19 10.56
CA PRO A 182 -13.80 16.98 10.95
C PRO A 182 -13.37 17.40 12.36
N SER A 183 -14.21 18.11 13.11
CA SER A 183 -13.94 18.42 14.53
C SER A 183 -13.89 17.12 15.35
N THR A 184 -14.46 16.02 14.83
CA THR A 184 -14.36 14.65 15.42
C THR A 184 -12.91 14.13 15.36
N LEU A 185 -12.04 14.73 14.54
CA LEU A 185 -10.61 14.34 14.42
C LEU A 185 -9.77 15.11 15.42
N LEU A 186 -10.29 16.22 15.94
CA LEU A 186 -9.53 17.11 16.86
C LEU A 186 -9.43 16.46 18.23
N PRO A 187 -8.37 16.77 19.02
CA PRO A 187 -8.21 16.20 20.36
C PRO A 187 -9.16 16.87 21.37
N SER A 188 -9.47 16.20 22.48
CA SER A 188 -10.46 16.65 23.49
C SER A 188 -10.15 18.08 24.00
N SER A 189 -8.88 18.38 24.30
CA SER A 189 -8.37 19.71 24.73
C SER A 189 -7.97 20.56 23.51
N LEU A 190 -8.44 21.81 23.46
CA LEU A 190 -8.09 22.77 22.35
C LEU A 190 -7.15 23.86 22.90
N ASP A 191 -6.34 23.54 23.92
CA ASP A 191 -5.13 24.32 24.28
C ASP A 191 -4.23 24.33 23.04
N PHE A 192 -3.66 25.48 22.69
CA PHE A 192 -2.93 25.65 21.43
C PHE A 192 -1.78 26.66 21.58
N TRP A 193 -0.84 26.55 20.66
CA TRP A 193 0.14 27.58 20.25
C TRP A 193 -0.35 28.28 18.98
N THR A 194 0.03 29.55 18.80
CA THR A 194 -0.22 30.30 17.54
C THR A 194 0.99 31.19 17.20
N TYR A 195 1.29 31.27 15.91
CA TYR A 195 2.36 32.11 15.33
C TYR A 195 1.94 32.48 13.90
N PRO A 196 2.39 33.63 13.36
CA PRO A 196 2.15 33.97 11.95
C PRO A 196 3.13 33.21 11.05
N GLY A 197 2.65 32.72 9.90
CA GLY A 197 3.40 31.74 9.10
C GLY A 197 2.86 31.61 7.70
N SER A 198 3.05 30.43 7.10
CA SER A 198 2.91 30.22 5.65
C SER A 198 2.28 28.86 5.37
N LEU A 199 1.91 28.65 4.11
CA LEU A 199 1.60 27.32 3.54
C LEU A 199 2.89 26.52 3.60
N THR A 200 2.82 25.24 3.96
CA THR A 200 4.02 24.40 4.11
C THR A 200 4.46 23.82 2.76
N HIS A 201 3.78 24.16 1.66
CA HIS A 201 4.24 23.79 0.29
C HIS A 201 3.90 24.91 -0.69
N PRO A 202 4.49 24.91 -1.90
CA PRO A 202 4.19 25.91 -2.93
C PRO A 202 2.69 26.10 -3.12
N PRO A 203 2.17 27.33 -3.29
CA PRO A 203 2.98 28.53 -3.49
C PRO A 203 3.57 29.24 -2.26
N LEU A 204 3.37 28.70 -1.05
CA LEU A 204 4.14 29.04 0.20
C LEU A 204 3.77 30.45 0.70
N TYR A 205 2.58 30.96 0.36
CA TYR A 205 2.12 32.32 0.77
C TYR A 205 2.19 32.45 2.29
N GLU A 206 2.73 33.57 2.75
CA GLU A 206 2.85 33.96 4.17
C GLU A 206 1.50 34.56 4.61
N SER A 207 0.46 33.73 4.57
CA SER A 207 -0.98 34.10 4.69
C SER A 207 -1.62 33.37 5.87
N VAL A 208 -0.87 32.57 6.63
CA VAL A 208 -1.43 31.59 7.61
C VAL A 208 -1.15 32.01 9.05
N THR A 209 -2.20 32.10 9.86
CA THR A 209 -2.17 32.11 11.35
C THR A 209 -2.30 30.66 11.82
N TRP A 210 -1.23 30.06 12.31
CA TRP A 210 -1.22 28.63 12.72
C TRP A 210 -1.82 28.51 14.11
N ILE A 211 -2.63 27.48 14.30
CA ILE A 211 -3.22 27.04 15.59
C ILE A 211 -2.73 25.60 15.81
N ILE A 212 -1.70 25.44 16.65
CA ILE A 212 -1.04 24.12 16.90
C ILE A 212 -1.54 23.64 18.24
N CYS A 213 -2.21 22.49 18.24
CA CYS A 213 -2.76 21.83 19.44
C CYS A 213 -1.62 21.27 20.27
N LYS A 214 -1.68 21.49 21.59
CA LYS A 214 -0.68 20.95 22.55
C LYS A 214 -0.91 19.44 22.65
N GLU A 215 -2.16 18.98 22.60
CA GLU A 215 -2.55 17.56 22.78
C GLU A 215 -2.43 16.89 21.42
N SER A 216 -1.82 15.70 21.37
CA SER A 216 -1.70 14.90 20.12
C SER A 216 -2.94 14.02 19.94
N ILE A 217 -3.14 13.45 18.74
CA ILE A 217 -4.10 12.34 18.49
C ILE A 217 -3.28 11.12 18.11
N SER A 218 -3.87 9.93 18.17
CA SER A 218 -3.12 8.68 17.87
C SER A 218 -3.33 8.30 16.40
N VAL A 219 -2.46 7.43 15.91
CA VAL A 219 -2.56 6.77 14.58
C VAL A 219 -1.74 5.47 14.68
N SER A 220 -2.17 4.38 14.04
CA SER A 220 -1.43 3.08 14.08
C SER A 220 -0.32 3.13 13.02
N SER A 221 0.67 2.24 13.13
CA SER A 221 1.64 1.98 12.05
C SER A 221 0.90 1.57 10.76
N GLU A 222 -0.20 0.83 10.89
CA GLU A 222 -0.93 0.24 9.72
C GLU A 222 -1.74 1.37 9.05
N GLN A 223 -2.35 2.25 9.83
CA GLN A 223 -3.09 3.45 9.31
C GLN A 223 -2.11 4.35 8.55
N LEU A 224 -0.88 4.50 9.04
CA LEU A 224 0.16 5.27 8.28
C LEU A 224 0.53 4.52 7.00
N ALA A 225 0.60 3.18 7.03
CA ALA A 225 0.84 2.36 5.81
C ALA A 225 -0.22 2.68 4.75
N GLN A 226 -1.50 2.84 5.11
CA GLN A 226 -2.58 3.17 4.13
C GLN A 226 -2.27 4.50 3.44
N PHE A 227 -1.83 5.55 4.15
CA PHE A 227 -1.45 6.85 3.52
C PHE A 227 -0.33 6.63 2.50
N ARG A 228 0.69 5.86 2.90
CA ARG A 228 1.92 5.63 2.10
C ARG A 228 1.61 4.67 0.95
N SER A 229 0.44 4.02 0.98
CA SER A 229 0.02 3.07 -0.08
C SER A 229 -0.70 3.83 -1.20
N LEU A 230 -0.95 5.13 -1.03
CA LEU A 230 -1.51 6.00 -2.09
C LEU A 230 -0.43 6.22 -3.17
N LEU A 231 -0.86 6.51 -4.39
CA LEU A 231 0.04 6.54 -5.56
C LEU A 231 0.08 7.96 -6.15
N SER A 232 1.29 8.41 -6.47
CA SER A 232 1.61 9.76 -7.02
C SER A 232 1.46 9.79 -8.56
N ASN A 233 1.43 8.61 -9.20
CA ASN A 233 1.32 8.39 -10.66
C ASN A 233 -0.15 8.31 -11.06
N VAL A 234 -0.43 8.53 -12.35
CA VAL A 234 -1.78 8.45 -12.98
C VAL A 234 -2.02 6.97 -13.30
N GLU A 235 -3.29 6.60 -13.47
CA GLU A 235 -3.72 5.21 -13.73
C GLU A 235 -2.98 4.69 -14.98
N GLY A 236 -2.32 3.54 -14.84
CA GLY A 236 -1.72 2.79 -15.95
C GLY A 236 -0.22 2.98 -16.00
N ASP A 237 0.32 3.98 -15.30
CA ASP A 237 1.79 4.20 -15.18
C ASP A 237 2.38 3.29 -14.10
N ASN A 238 3.71 3.24 -13.99
CA ASN A 238 4.37 2.39 -12.95
C ASN A 238 4.09 3.03 -11.58
N ALA A 239 3.64 2.18 -10.64
CA ALA A 239 3.22 2.56 -9.27
C ALA A 239 4.37 3.30 -8.57
N VAL A 240 4.15 4.55 -8.17
CA VAL A 240 5.06 5.36 -7.29
C VAL A 240 4.30 5.68 -6.01
N PRO A 241 4.57 4.96 -4.90
CA PRO A 241 3.98 5.30 -3.61
C PRO A 241 4.31 6.73 -3.15
N MET A 242 3.31 7.40 -2.58
CA MET A 242 3.43 8.68 -1.84
C MET A 242 4.12 8.40 -0.51
N GLN A 243 5.44 8.24 -0.48
CA GLN A 243 6.18 7.87 0.76
C GLN A 243 6.04 8.98 1.82
N HIS A 244 6.23 10.26 1.44
CA HIS A 244 6.28 11.40 2.40
C HIS A 244 5.89 12.72 1.73
N ASN A 245 5.47 13.71 2.52
CA ASN A 245 5.05 15.05 2.04
C ASN A 245 5.21 16.08 3.17
N ASN A 246 6.21 15.89 4.05
CA ASN A 246 6.48 16.82 5.18
C ASN A 246 7.66 17.72 4.82
N ARG A 247 7.50 19.03 5.05
CA ARG A 247 8.56 20.03 4.85
C ARG A 247 9.38 20.12 6.13
N PRO A 248 10.73 20.27 6.07
CA PRO A 248 11.55 20.49 7.27
C PRO A 248 11.20 21.82 7.96
N THR A 249 11.51 21.93 9.26
CA THR A 249 11.21 23.12 10.08
C THR A 249 12.05 24.31 9.58
N GLN A 250 11.50 25.51 9.68
CA GLN A 250 12.10 26.72 9.11
C GLN A 250 12.43 27.67 10.26
N PRO A 251 13.39 28.61 10.06
CA PRO A 251 13.86 29.50 11.12
C PRO A 251 12.76 30.48 11.54
N LEU A 252 12.56 30.68 12.85
CA LEU A 252 11.57 31.64 13.37
C LEU A 252 11.85 33.06 12.84
N LYS A 253 13.13 33.42 12.72
CA LYS A 253 13.57 34.78 12.30
C LYS A 253 12.81 35.83 13.11
N GLY A 254 12.88 35.72 14.45
CA GLY A 254 12.42 36.72 15.42
C GLY A 254 10.92 36.63 15.71
N ARG A 255 10.18 35.78 15.02
CA ARG A 255 8.74 35.61 15.30
C ARG A 255 8.55 35.05 16.69
N THR A 256 7.37 35.28 17.29
CA THR A 256 7.05 34.82 18.66
C THR A 256 5.88 33.84 18.60
N VAL A 257 6.08 32.64 19.15
CA VAL A 257 5.03 31.60 19.35
C VAL A 257 4.28 31.94 20.65
N ARG A 258 2.99 32.22 20.57
CA ARG A 258 2.11 32.47 21.73
C ARG A 258 1.45 31.16 22.13
N ALA A 259 1.22 30.97 23.43
CA ALA A 259 0.54 29.81 24.03
C ALA A 259 -0.79 30.26 24.63
N SER A 260 -1.84 29.46 24.54
CA SER A 260 -3.17 29.77 25.15
C SER A 260 -3.21 29.32 26.62
N PHE A 261 -2.11 28.75 27.15
CA PHE A 261 -2.12 27.90 28.37
C PHE A 261 -0.78 28.05 29.12
N TRP B 6 15.12 -16.71 6.46
CA TRP B 6 15.07 -16.65 4.94
C TRP B 6 14.08 -15.57 4.46
N GLY B 7 14.39 -14.93 3.33
CA GLY B 7 13.52 -13.92 2.73
C GLY B 7 13.90 -13.66 1.28
N TYR B 8 13.66 -12.44 0.79
CA TYR B 8 13.97 -12.05 -0.62
C TYR B 8 14.90 -10.81 -0.64
N ASP B 9 15.17 -10.22 0.53
CA ASP B 9 16.18 -9.14 0.73
C ASP B 9 17.59 -9.68 0.39
N ASP B 10 18.64 -8.91 0.65
CA ASP B 10 20.02 -9.36 0.29
C ASP B 10 20.66 -10.04 1.50
N LYS B 11 20.33 -9.59 2.71
CA LYS B 11 20.65 -10.29 4.00
C LYS B 11 20.39 -11.80 3.86
N ASN B 12 19.22 -12.18 3.30
CA ASN B 12 18.58 -13.51 3.46
C ASN B 12 17.98 -14.06 2.15
N GLY B 13 18.30 -13.46 0.99
CA GLY B 13 17.58 -13.71 -0.28
C GLY B 13 17.98 -15.02 -0.96
N PRO B 14 17.48 -15.25 -2.19
CA PRO B 14 17.71 -16.49 -2.93
C PRO B 14 19.18 -16.92 -3.01
N GLU B 15 20.11 -15.96 -3.05
CA GLU B 15 21.58 -16.19 -3.12
C GLU B 15 22.09 -16.86 -1.83
N GLN B 16 21.54 -16.53 -0.65
CA GLN B 16 21.94 -17.04 0.70
C GLN B 16 21.22 -18.36 1.08
N TRP B 17 20.25 -18.82 0.30
CA TRP B 17 19.30 -19.88 0.73
C TRP B 17 20.03 -21.23 0.94
N SER B 18 21.08 -21.46 0.14
CA SER B 18 21.84 -22.75 0.13
C SER B 18 22.53 -22.97 1.49
N LYS B 19 22.82 -21.91 2.24
CA LYS B 19 23.42 -21.97 3.59
C LYS B 19 22.51 -22.74 4.55
N LEU B 20 21.20 -22.46 4.48
CA LEU B 20 20.18 -23.08 5.37
C LEU B 20 19.49 -24.25 4.65
N TYR B 21 19.46 -24.26 3.32
CA TYR B 21 18.81 -25.32 2.52
C TYR B 21 19.74 -25.66 1.35
N PRO B 22 20.68 -26.60 1.55
CA PRO B 22 21.69 -26.91 0.53
C PRO B 22 21.09 -27.51 -0.76
N ILE B 23 19.88 -28.05 -0.69
CA ILE B 23 19.11 -28.49 -1.89
C ILE B 23 18.96 -27.32 -2.88
N ALA B 24 19.16 -26.06 -2.45
CA ALA B 24 19.00 -24.88 -3.31
C ALA B 24 19.91 -24.99 -4.55
N ASN B 25 21.10 -25.60 -4.39
CA ASN B 25 22.04 -25.89 -5.52
C ASN B 25 21.87 -27.33 -6.02
N GLY B 26 20.64 -27.85 -6.07
CA GLY B 26 20.34 -29.23 -6.52
C GLY B 26 20.06 -29.28 -8.00
N ASN B 27 19.58 -30.42 -8.50
CA ASN B 27 19.49 -30.77 -9.95
C ASN B 27 18.08 -30.52 -10.51
N ASN B 28 17.10 -30.27 -9.64
CA ASN B 28 15.67 -30.24 -10.00
C ASN B 28 15.04 -28.96 -9.44
N GLN B 29 15.81 -27.87 -9.40
CA GLN B 29 15.37 -26.61 -8.76
C GLN B 29 14.50 -25.82 -9.74
N SER B 30 13.50 -25.14 -9.18
CA SER B 30 12.52 -24.26 -9.89
C SER B 30 12.67 -22.85 -9.36
N PRO B 31 12.31 -21.78 -10.10
CA PRO B 31 11.76 -21.90 -11.44
C PRO B 31 12.87 -22.03 -12.48
N VAL B 32 12.46 -22.22 -13.74
CA VAL B 32 13.39 -22.36 -14.90
C VAL B 32 12.92 -21.43 -16.02
N ASP B 33 13.81 -21.15 -16.97
CA ASP B 33 13.50 -20.57 -18.29
C ASP B 33 13.07 -21.69 -19.25
N ILE B 34 11.85 -21.60 -19.76
CA ILE B 34 11.35 -22.46 -20.87
C ILE B 34 11.81 -21.87 -22.22
N LYS B 35 12.71 -22.56 -22.91
CA LYS B 35 13.14 -22.18 -24.28
C LYS B 35 12.27 -22.97 -25.23
N THR B 36 11.35 -22.30 -25.95
CA THR B 36 10.29 -22.97 -26.77
C THR B 36 10.88 -23.86 -27.87
N SER B 37 12.15 -23.63 -28.26
CA SER B 37 12.81 -24.34 -29.39
C SER B 37 13.44 -25.65 -28.90
N GLU B 38 13.67 -25.79 -27.60
CA GLU B 38 14.25 -27.02 -26.96
C GLU B 38 13.16 -27.90 -26.32
N THR B 39 11.88 -27.49 -26.33
CA THR B 39 10.74 -28.27 -25.77
C THR B 39 10.38 -29.43 -26.69
N LYS B 40 10.01 -30.58 -26.11
CA LYS B 40 9.55 -31.76 -26.89
C LYS B 40 8.05 -31.99 -26.67
N HIS B 41 7.31 -32.20 -27.76
CA HIS B 41 5.92 -32.70 -27.69
C HIS B 41 5.93 -34.16 -27.22
N ASP B 42 5.26 -34.42 -26.11
CA ASP B 42 5.06 -35.78 -25.58
C ASP B 42 3.60 -36.16 -25.84
N THR B 43 3.36 -37.20 -26.65
CA THR B 43 2.01 -37.62 -27.09
C THR B 43 1.23 -38.26 -25.95
N SER B 44 1.88 -38.66 -24.85
CA SER B 44 1.23 -39.27 -23.65
C SER B 44 0.63 -38.22 -22.71
N LEU B 45 0.87 -36.92 -22.95
CA LEU B 45 0.26 -35.83 -22.13
C LEU B 45 -1.20 -35.60 -22.55
N LYS B 46 -2.15 -35.98 -21.66
CA LYS B 46 -3.62 -35.75 -21.81
C LYS B 46 -3.90 -34.27 -21.55
N PRO B 47 -5.08 -33.75 -21.92
CA PRO B 47 -5.49 -32.42 -21.46
C PRO B 47 -5.47 -32.36 -19.91
N ILE B 48 -5.10 -31.21 -19.34
CA ILE B 48 -5.28 -31.03 -17.87
C ILE B 48 -6.77 -30.75 -17.64
N SER B 49 -7.32 -31.37 -16.60
CA SER B 49 -8.72 -31.23 -16.13
C SER B 49 -8.70 -30.78 -14.67
N VAL B 50 -9.26 -29.62 -14.38
CA VAL B 50 -9.48 -29.15 -12.98
C VAL B 50 -10.99 -29.10 -12.70
N SER B 51 -11.42 -29.72 -11.59
CA SER B 51 -12.77 -29.55 -11.00
C SER B 51 -12.60 -29.08 -9.56
N TYR B 52 -12.83 -27.80 -9.31
CA TYR B 52 -12.76 -27.23 -7.96
C TYR B 52 -14.15 -26.85 -7.45
N ASN B 53 -14.44 -27.39 -6.27
CA ASN B 53 -15.66 -27.09 -5.48
C ASN B 53 -15.40 -25.80 -4.69
N PRO B 54 -16.08 -24.67 -4.98
CA PRO B 54 -15.83 -23.42 -4.26
C PRO B 54 -16.13 -23.43 -2.75
N ALA B 55 -16.71 -24.52 -2.22
CA ALA B 55 -16.96 -24.73 -0.77
C ALA B 55 -15.64 -25.03 -0.04
N THR B 56 -14.65 -25.59 -0.72
CA THR B 56 -13.34 -25.98 -0.12
C THR B 56 -12.50 -24.74 0.21
N ALA B 57 -12.75 -23.60 -0.41
CA ALA B 57 -12.13 -22.31 0.00
C ALA B 57 -12.30 -22.20 1.52
N LYS B 58 -11.29 -21.71 2.24
CA LYS B 58 -11.31 -21.71 3.73
C LYS B 58 -10.74 -20.41 4.27
N GLU B 59 -9.48 -20.08 3.97
CA GLU B 59 -8.70 -19.10 4.75
C GLU B 59 -7.71 -18.34 3.86
N ILE B 60 -7.59 -17.04 4.08
CA ILE B 60 -6.52 -16.23 3.48
C ILE B 60 -5.65 -15.74 4.62
N ILE B 61 -4.33 -15.76 4.43
CA ILE B 61 -3.34 -15.54 5.52
C ILE B 61 -2.11 -14.84 4.95
N ASN B 62 -1.61 -13.86 5.69
CA ASN B 62 -0.34 -13.17 5.37
C ASN B 62 0.78 -13.96 6.04
N VAL B 63 1.75 -14.42 5.25
CA VAL B 63 2.88 -15.25 5.75
C VAL B 63 4.19 -14.47 5.66
N GLY B 64 4.14 -13.13 5.65
CA GLY B 64 5.35 -12.29 5.77
C GLY B 64 6.00 -12.06 4.42
N HIS B 65 6.32 -13.13 3.70
CA HIS B 65 6.95 -13.01 2.37
C HIS B 65 5.86 -12.88 1.30
N SER B 66 4.61 -13.26 1.60
CA SER B 66 3.52 -13.42 0.60
C SER B 66 2.18 -13.58 1.30
N PHE B 67 1.15 -13.93 0.54
CA PHE B 67 -0.13 -14.36 1.13
C PHE B 67 -0.57 -15.61 0.40
N HIS B 68 -1.34 -16.43 1.10
CA HIS B 68 -1.86 -17.75 0.67
C HIS B 68 -3.38 -17.78 0.82
N VAL B 69 -4.02 -18.37 -0.16
CA VAL B 69 -5.44 -18.80 -0.01
C VAL B 69 -5.41 -20.31 0.13
N ASN B 70 -5.78 -20.79 1.32
CA ASN B 70 -5.80 -22.22 1.69
C ASN B 70 -7.22 -22.80 1.56
N PHE B 71 -7.28 -24.10 1.26
CA PHE B 71 -8.51 -24.88 0.95
C PHE B 71 -8.58 -26.07 1.93
N GLU B 72 -9.76 -26.46 2.38
CA GLU B 72 -9.97 -27.71 3.14
C GLU B 72 -9.53 -28.84 2.20
N ASP B 73 -8.65 -29.75 2.66
CA ASP B 73 -8.03 -30.79 1.81
C ASP B 73 -8.19 -32.18 2.45
N ASN B 74 -9.22 -32.35 3.29
CA ASN B 74 -9.59 -33.62 3.97
C ASN B 74 -10.22 -34.61 2.99
N ASP B 75 -10.61 -34.15 1.78
CA ASP B 75 -11.29 -35.01 0.76
C ASP B 75 -10.97 -34.53 -0.67
N ASN B 76 -11.45 -35.26 -1.69
CA ASN B 76 -11.17 -34.96 -3.12
C ASN B 76 -12.36 -34.25 -3.73
N ARG B 77 -12.96 -33.26 -3.08
CA ARG B 77 -13.95 -32.40 -3.78
C ARG B 77 -13.24 -31.55 -4.83
N SER B 78 -11.98 -31.20 -4.57
CA SER B 78 -11.23 -30.19 -5.37
C SER B 78 -9.92 -30.80 -5.91
N VAL B 79 -9.90 -31.14 -7.20
CA VAL B 79 -8.86 -32.06 -7.77
C VAL B 79 -8.38 -31.62 -9.15
N LEU B 80 -7.11 -31.92 -9.39
CA LEU B 80 -6.40 -31.82 -10.68
C LEU B 80 -6.11 -33.25 -11.19
N LYS B 81 -6.35 -33.53 -12.46
CA LYS B 81 -6.02 -34.83 -13.11
C LYS B 81 -5.74 -34.58 -14.59
N GLY B 82 -5.25 -35.60 -15.31
CA GLY B 82 -4.88 -35.47 -16.72
C GLY B 82 -3.45 -34.97 -16.83
N GLY B 83 -3.11 -34.27 -17.92
CA GLY B 83 -1.72 -33.90 -18.23
C GLY B 83 -0.79 -35.09 -18.01
N PRO B 84 0.25 -34.93 -17.19
CA PRO B 84 1.26 -35.98 -16.99
C PRO B 84 0.99 -37.04 -15.91
N PHE B 85 -0.21 -37.04 -15.29
CA PHE B 85 -0.51 -37.87 -14.11
C PHE B 85 -1.52 -38.97 -14.45
N SER B 86 -1.35 -40.17 -13.88
CA SER B 86 -2.41 -41.21 -13.87
C SER B 86 -3.29 -41.00 -12.62
N ASP B 87 -2.70 -40.37 -11.61
CA ASP B 87 -3.29 -40.11 -10.25
C ASP B 87 -4.10 -38.80 -10.30
N SER B 88 -5.04 -38.62 -9.36
CA SER B 88 -5.69 -37.32 -9.03
C SER B 88 -4.85 -36.58 -7.97
N TYR B 89 -4.76 -35.24 -8.06
CA TYR B 89 -4.09 -34.40 -7.04
C TYR B 89 -5.11 -33.47 -6.40
N ARG B 90 -4.95 -33.24 -5.11
CA ARG B 90 -5.94 -32.51 -4.28
C ARG B 90 -5.48 -31.07 -4.09
N LEU B 91 -6.32 -30.10 -4.45
CA LEU B 91 -6.07 -28.65 -4.27
C LEU B 91 -5.88 -28.33 -2.78
N PHE B 92 -4.83 -27.60 -2.40
CA PHE B 92 -4.71 -27.14 -0.99
C PHE B 92 -4.46 -25.65 -0.90
N GLN B 93 -3.91 -25.01 -1.92
CA GLN B 93 -3.51 -23.57 -1.82
C GLN B 93 -3.37 -22.93 -3.19
N PHE B 94 -3.57 -21.60 -3.26
CA PHE B 94 -3.04 -20.75 -4.36
C PHE B 94 -2.44 -19.49 -3.76
N HIS B 95 -1.52 -18.90 -4.52
CA HIS B 95 -0.76 -17.68 -4.14
C HIS B 95 -0.17 -17.09 -5.41
N PHE B 96 0.44 -15.93 -5.27
CA PHE B 96 1.04 -15.18 -6.39
C PHE B 96 2.51 -14.92 -6.06
N HIS B 97 3.29 -14.69 -7.12
CA HIS B 97 4.59 -14.02 -7.01
C HIS B 97 4.50 -12.71 -7.80
N TRP B 98 5.31 -11.74 -7.39
CA TRP B 98 5.44 -10.42 -8.04
C TRP B 98 6.83 -9.84 -7.74
N GLY B 99 7.21 -8.78 -8.45
CA GLY B 99 8.50 -8.08 -8.31
C GLY B 99 8.31 -6.60 -7.94
N SER B 100 9.40 -5.86 -7.71
CA SER B 100 9.34 -4.44 -7.24
C SER B 100 8.92 -3.50 -8.38
N THR B 101 9.00 -3.94 -9.63
CA THR B 101 8.48 -3.21 -10.82
C THR B 101 7.55 -4.13 -11.64
N ASN B 102 6.84 -3.55 -12.62
CA ASN B 102 5.88 -4.28 -13.49
C ASN B 102 6.63 -5.07 -14.57
N GLU B 103 7.90 -4.79 -14.83
CA GLU B 103 8.70 -5.45 -15.90
C GLU B 103 8.97 -6.89 -15.45
N HIS B 104 9.83 -7.10 -14.45
CA HIS B 104 10.05 -8.40 -13.77
C HIS B 104 8.91 -8.66 -12.78
N GLY B 105 8.87 -9.84 -12.15
CA GLY B 105 7.83 -10.25 -11.21
C GLY B 105 7.47 -11.72 -11.30
N SER B 106 7.49 -12.34 -12.48
CA SER B 106 7.21 -13.79 -12.64
C SER B 106 8.42 -14.59 -12.14
N GLU B 107 8.23 -15.90 -11.95
CA GLU B 107 9.29 -16.84 -11.55
C GLU B 107 9.77 -17.53 -12.84
N HIS B 108 8.89 -18.23 -13.54
CA HIS B 108 9.23 -18.82 -14.85
C HIS B 108 9.35 -17.71 -15.90
N THR B 109 10.27 -17.92 -16.85
CA THR B 109 10.42 -17.05 -18.04
C THR B 109 10.17 -17.95 -19.24
N VAL B 110 9.75 -17.36 -20.35
CA VAL B 110 9.55 -18.04 -21.67
C VAL B 110 10.49 -17.33 -22.66
N ASP B 111 11.52 -18.02 -23.12
CA ASP B 111 12.50 -17.46 -24.10
C ASP B 111 13.13 -16.18 -23.51
N GLY B 112 13.41 -16.19 -22.20
CA GLY B 112 14.05 -15.09 -21.46
C GLY B 112 13.12 -13.95 -21.10
N VAL B 113 11.85 -13.97 -21.55
CA VAL B 113 10.89 -12.86 -21.30
C VAL B 113 10.30 -13.05 -19.91
N LYS B 114 10.47 -12.03 -19.06
CA LYS B 114 9.93 -11.99 -17.69
CA LYS B 114 9.90 -12.05 -17.70
C LYS B 114 8.54 -11.35 -17.75
N TYR B 115 7.55 -11.96 -17.10
CA TYR B 115 6.19 -11.38 -16.99
C TYR B 115 6.12 -10.61 -15.66
N SER B 116 4.98 -9.99 -15.40
CA SER B 116 4.82 -9.00 -14.30
C SER B 116 4.52 -9.73 -12.98
N ALA B 117 3.98 -10.94 -13.06
CA ALA B 117 3.56 -11.71 -11.86
C ALA B 117 3.33 -13.15 -12.29
N GLU B 118 3.01 -14.03 -11.33
CA GLU B 118 2.76 -15.46 -11.56
C GLU B 118 1.76 -15.99 -10.53
N LEU B 119 0.76 -16.72 -11.00
CA LEU B 119 -0.17 -17.47 -10.14
C LEU B 119 0.36 -18.89 -10.01
N HIS B 120 0.44 -19.39 -8.78
CA HIS B 120 0.65 -20.81 -8.46
C HIS B 120 -0.61 -21.40 -7.81
N VAL B 121 -1.10 -22.50 -8.36
CA VAL B 121 -2.21 -23.32 -7.78
C VAL B 121 -1.62 -24.69 -7.40
N ALA B 122 -1.51 -24.97 -6.11
CA ALA B 122 -0.75 -26.12 -5.58
C ALA B 122 -1.70 -27.26 -5.20
N HIS B 123 -1.27 -28.50 -5.46
CA HIS B 123 -2.04 -29.74 -5.24
C HIS B 123 -1.12 -30.82 -4.64
N TRP B 124 -1.67 -31.76 -3.87
CA TRP B 124 -0.85 -32.89 -3.38
C TRP B 124 -1.47 -34.23 -3.82
N ASN B 125 -0.65 -35.27 -3.93
CA ASN B 125 -1.06 -36.58 -4.52
C ASN B 125 -1.91 -37.38 -3.52
N SER B 126 -3.23 -37.24 -3.57
CA SER B 126 -4.15 -37.96 -2.64
C SER B 126 -4.38 -39.41 -3.12
N ALA B 127 -3.99 -39.74 -4.35
CA ALA B 127 -4.07 -41.13 -4.86
C ALA B 127 -3.08 -42.02 -4.11
N LYS B 128 -1.85 -41.55 -3.89
CA LYS B 128 -0.75 -42.37 -3.32
C LYS B 128 -0.53 -42.07 -1.85
N TYR B 129 -0.69 -40.82 -1.41
CA TYR B 129 -0.34 -40.40 -0.03
C TYR B 129 -1.61 -40.03 0.71
N SER B 130 -1.56 -40.03 2.05
CA SER B 130 -2.70 -39.81 2.97
C SER B 130 -2.81 -38.34 3.36
N SER B 131 -1.71 -37.59 3.35
CA SER B 131 -1.69 -36.16 3.79
C SER B 131 -0.67 -35.36 2.97
N LEU B 132 -0.83 -34.03 2.98
CA LEU B 132 0.16 -33.07 2.45
C LEU B 132 1.52 -33.33 3.11
N ALA B 133 1.52 -33.54 4.42
CA ALA B 133 2.74 -33.82 5.22
C ALA B 133 3.55 -34.95 4.58
N GLU B 134 2.88 -36.03 4.22
CA GLU B 134 3.52 -37.23 3.62
C GLU B 134 3.94 -36.90 2.17
N ALA B 135 3.03 -36.30 1.40
CA ALA B 135 3.21 -35.98 -0.04
C ALA B 135 4.38 -35.01 -0.29
N ALA B 136 4.63 -34.05 0.60
CA ALA B 136 5.38 -32.80 0.29
C ALA B 136 6.85 -33.06 -0.03
N SER B 137 7.45 -34.12 0.50
CA SER B 137 8.90 -34.45 0.33
C SER B 137 9.09 -35.45 -0.82
N LYS B 138 8.01 -35.96 -1.42
CA LYS B 138 8.06 -37.09 -2.38
C LYS B 138 8.17 -36.53 -3.80
N ALA B 139 9.00 -37.12 -4.66
CA ALA B 139 9.28 -36.59 -6.01
C ALA B 139 7.96 -36.41 -6.77
N ASP B 140 7.03 -37.35 -6.59
CA ASP B 140 5.67 -37.35 -7.23
C ASP B 140 4.60 -36.78 -6.29
N GLY B 141 4.96 -36.03 -5.24
CA GLY B 141 4.03 -35.58 -4.18
C GLY B 141 3.19 -34.37 -4.57
N LEU B 142 3.78 -33.33 -5.16
CA LEU B 142 3.04 -32.06 -5.45
C LEU B 142 2.99 -31.77 -6.95
N ALA B 143 1.92 -31.10 -7.34
CA ALA B 143 1.65 -30.58 -8.69
C ALA B 143 1.26 -29.11 -8.56
N VAL B 144 2.01 -28.22 -9.20
CA VAL B 144 1.66 -26.78 -9.18
C VAL B 144 1.45 -26.32 -10.60
N ILE B 145 0.31 -25.68 -10.83
CA ILE B 145 -0.01 -24.95 -12.10
C ILE B 145 0.51 -23.52 -11.98
N GLY B 146 1.39 -23.10 -12.89
CA GLY B 146 1.84 -21.72 -13.00
C GLY B 146 1.17 -21.02 -14.16
N VAL B 147 0.69 -19.80 -13.92
CA VAL B 147 0.08 -18.92 -14.96
C VAL B 147 0.87 -17.61 -14.97
N LEU B 148 1.40 -17.25 -16.12
CA LEU B 148 2.10 -15.95 -16.25
C LEU B 148 1.06 -14.83 -16.32
N MET B 149 1.29 -13.77 -15.55
CA MET B 149 0.40 -12.60 -15.46
C MET B 149 1.10 -11.43 -16.18
N LYS B 150 0.47 -10.92 -17.23
CA LYS B 150 1.03 -9.86 -18.11
C LYS B 150 0.42 -8.50 -17.72
N VAL B 151 1.24 -7.50 -17.44
CA VAL B 151 0.71 -6.16 -17.04
C VAL B 151 -0.04 -5.57 -18.24
N GLY B 152 -1.29 -5.19 -18.04
CA GLY B 152 -2.17 -4.51 -19.01
C GLY B 152 -3.48 -4.12 -18.34
N GLU B 153 -4.59 -4.68 -18.81
CA GLU B 153 -5.95 -4.37 -18.31
C GLU B 153 -6.14 -5.00 -16.92
N ALA B 154 -7.05 -4.44 -16.11
CA ALA B 154 -7.44 -4.96 -14.80
C ALA B 154 -8.10 -6.32 -15.02
N ASN B 155 -7.79 -7.29 -14.16
CA ASN B 155 -8.38 -8.64 -14.22
C ASN B 155 -9.50 -8.68 -13.20
N PRO B 156 -10.78 -8.72 -13.62
CA PRO B 156 -11.90 -8.72 -12.67
C PRO B 156 -11.92 -9.98 -11.81
N LYS B 157 -11.37 -11.09 -12.29
CA LYS B 157 -11.42 -12.42 -11.60
C LYS B 157 -10.60 -12.37 -10.31
N LEU B 158 -9.66 -11.43 -10.23
CA LEU B 158 -8.76 -11.18 -9.07
C LEU B 158 -9.44 -10.31 -8.00
N GLN B 159 -10.62 -9.76 -8.28
CA GLN B 159 -11.39 -8.81 -7.43
C GLN B 159 -11.47 -9.33 -5.98
N LYS B 160 -12.09 -10.48 -5.78
CA LYS B 160 -12.47 -10.98 -4.43
C LYS B 160 -11.18 -11.26 -3.64
N VAL B 161 -10.09 -11.62 -4.32
CA VAL B 161 -8.77 -11.87 -3.65
C VAL B 161 -8.25 -10.51 -3.17
N LEU B 162 -8.27 -9.52 -4.05
CA LEU B 162 -7.67 -8.18 -3.75
C LEU B 162 -8.48 -7.47 -2.66
N ASP B 163 -9.80 -7.67 -2.63
CA ASP B 163 -10.73 -7.07 -1.65
C ASP B 163 -10.50 -7.69 -0.27
N ALA B 164 -10.03 -8.94 -0.19
CA ALA B 164 -9.78 -9.67 1.07
C ALA B 164 -8.52 -9.15 1.76
N LEU B 165 -7.60 -8.52 1.02
CA LEU B 165 -6.24 -8.15 1.49
C LEU B 165 -6.28 -7.13 2.65
N GLN B 166 -7.27 -6.24 2.71
CA GLN B 166 -7.33 -5.20 3.76
C GLN B 166 -7.49 -5.84 5.16
N ALA B 167 -7.95 -7.10 5.27
CA ALA B 167 -8.17 -7.75 6.58
C ALA B 167 -6.94 -8.57 7.00
N ILE B 168 -5.86 -8.58 6.20
CA ILE B 168 -4.62 -9.37 6.49
C ILE B 168 -3.38 -8.57 6.12
N LYS B 169 -3.37 -7.31 6.50
CA LYS B 169 -2.32 -6.35 6.10
C LYS B 169 -0.94 -6.76 6.66
N THR B 170 -0.88 -7.31 7.88
CA THR B 170 0.39 -7.61 8.59
C THR B 170 0.61 -9.12 8.78
N LYS B 171 1.87 -9.52 8.98
CA LYS B 171 2.28 -10.94 9.05
C LYS B 171 1.49 -11.66 10.15
N GLY B 172 0.93 -12.83 9.83
CA GLY B 172 0.22 -13.68 10.81
C GLY B 172 -1.28 -13.41 10.80
N LYS B 173 -1.73 -12.29 10.23
CA LYS B 173 -3.18 -12.01 10.11
C LYS B 173 -3.79 -12.98 9.07
N ARG B 174 -5.02 -13.37 9.33
CA ARG B 174 -5.82 -14.36 8.59
C ARG B 174 -7.28 -13.93 8.70
N ALA B 175 -8.06 -14.23 7.66
CA ALA B 175 -9.52 -14.07 7.64
C ALA B 175 -10.14 -15.28 6.95
N PRO B 176 -11.41 -15.62 7.26
CA PRO B 176 -12.19 -16.50 6.43
C PRO B 176 -12.13 -16.03 4.96
N PHE B 177 -12.17 -16.98 4.05
CA PHE B 177 -12.17 -16.77 2.57
C PHE B 177 -12.87 -17.99 2.00
N THR B 178 -14.16 -17.83 1.69
CA THR B 178 -15.09 -18.94 1.38
C THR B 178 -15.64 -18.72 -0.03
N ASN B 179 -16.17 -19.78 -0.64
CA ASN B 179 -17.06 -19.64 -1.81
C ASN B 179 -16.25 -19.06 -2.97
N PHE B 180 -15.23 -19.79 -3.40
CA PHE B 180 -14.27 -19.36 -4.45
C PHE B 180 -13.64 -20.57 -5.19
N ASP B 181 -13.82 -20.57 -6.51
CA ASP B 181 -13.27 -21.54 -7.49
C ASP B 181 -12.06 -20.89 -8.18
N PRO B 182 -10.83 -21.27 -7.78
CA PRO B 182 -9.63 -20.70 -8.38
C PRO B 182 -9.40 -21.07 -9.85
N SER B 183 -10.15 -22.04 -10.42
CA SER B 183 -10.07 -22.34 -11.88
C SER B 183 -10.65 -21.17 -12.68
N THR B 184 -11.42 -20.28 -12.07
CA THR B 184 -11.88 -19.02 -12.71
C THR B 184 -10.68 -18.09 -13.00
N LEU B 185 -9.51 -18.31 -12.41
CA LEU B 185 -8.30 -17.48 -12.61
C LEU B 185 -7.45 -17.98 -13.76
N LEU B 186 -7.66 -19.21 -14.20
CA LEU B 186 -6.90 -19.83 -15.31
C LEU B 186 -7.31 -19.25 -16.65
N PRO B 187 -6.41 -19.27 -17.65
CA PRO B 187 -6.79 -18.91 -19.02
C PRO B 187 -7.77 -19.90 -19.67
N SER B 188 -8.45 -19.48 -20.75
CA SER B 188 -9.40 -20.31 -21.55
C SER B 188 -8.74 -21.64 -21.98
N SER B 189 -7.60 -21.53 -22.65
CA SER B 189 -6.80 -22.66 -23.20
C SER B 189 -5.82 -23.14 -22.14
N LEU B 190 -5.85 -24.46 -21.85
CA LEU B 190 -4.99 -25.12 -20.85
C LEU B 190 -3.88 -25.93 -21.53
N ASP B 191 -3.46 -25.54 -22.73
CA ASP B 191 -2.16 -25.96 -23.31
C ASP B 191 -1.07 -25.61 -22.30
N PHE B 192 -0.10 -26.49 -22.13
CA PHE B 192 0.86 -26.39 -21.02
C PHE B 192 2.24 -26.94 -21.44
N TRP B 193 3.25 -26.49 -20.71
CA TRP B 193 4.58 -27.15 -20.57
C TRP B 193 4.64 -27.88 -19.23
N THR B 194 5.36 -28.98 -19.18
CA THR B 194 5.61 -29.69 -17.91
C THR B 194 7.09 -30.08 -17.79
N TYR B 195 7.59 -30.08 -16.56
CA TYR B 195 8.97 -30.45 -16.19
C TYR B 195 8.98 -30.77 -14.70
N PRO B 196 9.86 -31.69 -14.24
CA PRO B 196 10.01 -31.99 -12.82
C PRO B 196 10.89 -30.97 -12.10
N GLY B 197 10.44 -30.46 -10.95
CA GLY B 197 11.13 -29.37 -10.26
C GLY B 197 10.88 -29.36 -8.76
N SER B 198 10.92 -28.18 -8.17
CA SER B 198 10.94 -27.95 -6.71
C SER B 198 9.96 -26.86 -6.31
N LEU B 199 9.76 -26.71 -5.00
CA LEU B 199 9.24 -25.45 -4.39
C LEU B 199 10.25 -24.37 -4.75
N THR B 200 9.74 -23.16 -5.07
CA THR B 200 10.57 -22.01 -5.53
C THR B 200 10.99 -21.19 -4.32
N HIS B 201 10.62 -21.61 -3.13
CA HIS B 201 11.19 -20.99 -1.91
C HIS B 201 11.32 -22.08 -0.85
N PRO B 202 12.10 -21.81 0.23
CA PRO B 202 12.31 -22.81 1.29
C PRO B 202 11.05 -23.48 1.79
N PRO B 203 11.01 -24.82 1.99
CA PRO B 203 12.22 -25.67 1.96
C PRO B 203 12.70 -26.26 0.61
N LEU B 204 12.23 -25.72 -0.52
CA LEU B 204 12.81 -26.03 -1.86
C LEU B 204 12.79 -27.53 -2.16
N TYR B 205 11.92 -28.30 -1.50
CA TYR B 205 11.76 -29.75 -1.75
C TYR B 205 11.65 -30.00 -3.25
N GLU B 206 12.30 -31.04 -3.79
CA GLU B 206 12.23 -31.36 -5.24
C GLU B 206 11.08 -32.33 -5.47
N SER B 207 9.87 -31.87 -5.13
CA SER B 207 8.64 -32.70 -5.00
C SER B 207 7.58 -32.29 -6.03
N VAL B 208 7.91 -31.40 -6.97
CA VAL B 208 6.88 -30.68 -7.77
C VAL B 208 6.94 -31.10 -9.23
N THR B 209 5.80 -31.54 -9.76
CA THR B 209 5.54 -31.55 -11.23
C THR B 209 4.91 -30.21 -11.61
N TRP B 210 5.65 -29.39 -12.38
CA TRP B 210 5.21 -28.07 -12.86
C TRP B 210 4.32 -28.22 -14.08
N ILE B 211 3.19 -27.50 -14.07
CA ILE B 211 2.26 -27.36 -15.22
C ILE B 211 2.24 -25.87 -15.54
N ILE B 212 2.95 -25.43 -16.59
CA ILE B 212 3.03 -23.98 -16.99
C ILE B 212 2.11 -23.77 -18.19
N CYS B 213 1.08 -22.97 -18.00
CA CYS B 213 0.15 -22.56 -19.07
C CYS B 213 0.93 -21.76 -20.14
N LYS B 214 0.72 -22.11 -21.41
CA LYS B 214 1.15 -21.34 -22.60
C LYS B 214 0.48 -19.96 -22.56
N GLU B 215 -0.81 -19.87 -22.27
CA GLU B 215 -1.55 -18.57 -22.27
C GLU B 215 -1.29 -17.84 -20.95
N SER B 216 -1.02 -16.53 -21.05
CA SER B 216 -0.94 -15.57 -19.93
C SER B 216 -2.36 -15.09 -19.57
N ILE B 217 -2.51 -14.51 -18.38
CA ILE B 217 -3.71 -13.72 -17.95
C ILE B 217 -3.22 -12.30 -17.66
N SER B 218 -4.14 -11.34 -17.61
CA SER B 218 -3.77 -9.92 -17.37
C SER B 218 -3.83 -9.61 -15.87
N VAL B 219 -3.29 -8.45 -15.52
CA VAL B 219 -3.32 -7.79 -14.20
C VAL B 219 -3.01 -6.32 -14.49
N SER B 220 -3.60 -5.36 -13.78
CA SER B 220 -3.27 -3.92 -13.95
C SER B 220 -2.12 -3.54 -13.04
N SER B 221 -1.57 -2.37 -13.28
CA SER B 221 -0.45 -1.78 -12.52
C SER B 221 -0.91 -1.51 -11.08
N GLU B 222 -2.22 -1.25 -10.88
CA GLU B 222 -2.82 -0.88 -9.57
C GLU B 222 -3.17 -2.15 -8.82
N GLN B 223 -3.53 -3.22 -9.52
CA GLN B 223 -3.71 -4.54 -8.88
C GLN B 223 -2.35 -5.02 -8.34
N LEU B 224 -1.26 -4.82 -9.09
CA LEU B 224 0.09 -5.22 -8.63
C LEU B 224 0.45 -4.38 -7.39
N ALA B 225 0.17 -3.07 -7.43
CA ALA B 225 0.39 -2.14 -6.32
C ALA B 225 -0.34 -2.66 -5.07
N GLN B 226 -1.54 -3.24 -5.21
CA GLN B 226 -2.27 -3.80 -4.05
C GLN B 226 -1.49 -4.97 -3.44
N PHE B 227 -0.92 -5.87 -4.26
CA PHE B 227 -0.06 -6.96 -3.73
C PHE B 227 1.08 -6.34 -2.92
N ARG B 228 1.69 -5.27 -3.45
CA ARG B 228 2.93 -4.65 -2.89
C ARG B 228 2.59 -3.79 -1.68
N SER B 229 1.32 -3.47 -1.45
CA SER B 229 0.90 -2.71 -0.25
C SER B 229 0.69 -3.67 0.93
N LEU B 230 0.97 -4.97 0.76
CA LEU B 230 0.92 -5.93 1.91
C LEU B 230 2.16 -5.72 2.78
N LEU B 231 2.03 -5.86 4.09
CA LEU B 231 3.18 -5.66 4.99
C LEU B 231 3.75 -7.02 5.43
N SER B 232 5.08 -7.11 5.41
CA SER B 232 5.92 -8.25 5.87
C SER B 232 6.10 -8.23 7.40
N ASN B 233 5.72 -7.14 8.08
CA ASN B 233 5.91 -6.96 9.55
C ASN B 233 4.63 -7.33 10.30
N VAL B 234 4.81 -7.59 11.59
CA VAL B 234 3.73 -7.90 12.57
C VAL B 234 3.06 -6.57 12.97
N GLU B 235 1.78 -6.64 13.32
CA GLU B 235 0.96 -5.50 13.80
C GLU B 235 1.74 -4.74 14.90
N GLY B 236 1.83 -3.42 14.76
CA GLY B 236 2.43 -2.53 15.76
C GLY B 236 3.84 -2.12 15.38
N ASP B 237 4.59 -2.95 14.64
CA ASP B 237 5.97 -2.61 14.19
C ASP B 237 5.86 -1.64 13.00
N ASN B 238 6.97 -1.00 12.64
CA ASN B 238 7.04 -0.07 11.49
C ASN B 238 6.75 -0.87 10.21
N ALA B 239 5.74 -0.41 9.46
CA ALA B 239 5.28 -0.96 8.15
C ALA B 239 6.45 -1.17 7.19
N VAL B 240 6.66 -2.42 6.75
CA VAL B 240 7.64 -2.86 5.69
C VAL B 240 6.87 -3.51 4.54
N PRO B 241 6.61 -2.76 3.44
CA PRO B 241 5.90 -3.32 2.28
C PRO B 241 6.58 -4.55 1.67
N MET B 242 5.75 -5.50 1.23
CA MET B 242 6.13 -6.77 0.54
C MET B 242 6.43 -6.44 -0.91
N GLN B 243 7.65 -6.04 -1.23
CA GLN B 243 7.95 -5.42 -2.54
C GLN B 243 8.12 -6.48 -3.61
N HIS B 244 8.63 -7.66 -3.27
CA HIS B 244 8.88 -8.74 -4.26
C HIS B 244 8.99 -10.09 -3.55
N ASN B 245 8.89 -11.18 -4.30
CA ASN B 245 8.96 -12.54 -3.71
C ASN B 245 9.19 -13.57 -4.83
N ASN B 246 9.93 -13.20 -5.87
CA ASN B 246 10.18 -14.07 -7.05
C ASN B 246 11.65 -14.50 -7.04
N ARG B 247 11.88 -15.82 -7.04
CA ARG B 247 13.20 -16.46 -7.19
C ARG B 247 13.65 -16.33 -8.65
N PRO B 248 14.95 -16.06 -8.88
CA PRO B 248 15.53 -16.15 -10.21
C PRO B 248 15.42 -17.59 -10.74
N THR B 249 15.46 -17.73 -12.07
CA THR B 249 15.42 -19.02 -12.81
C THR B 249 16.72 -19.78 -12.55
N GLN B 250 16.64 -21.11 -12.59
CA GLN B 250 17.70 -22.02 -12.12
C GLN B 250 18.12 -22.89 -13.28
N PRO B 251 19.37 -23.41 -13.27
CA PRO B 251 19.83 -24.27 -14.34
C PRO B 251 18.91 -25.49 -14.49
N LEU B 252 18.69 -25.89 -15.73
CA LEU B 252 17.88 -27.08 -16.12
C LEU B 252 18.63 -28.36 -15.73
N LYS B 253 19.96 -28.39 -15.92
CA LYS B 253 20.82 -29.55 -15.61
C LYS B 253 20.30 -30.80 -16.31
N GLY B 254 20.10 -30.73 -17.64
CA GLY B 254 19.75 -31.90 -18.46
C GLY B 254 18.29 -32.32 -18.35
N ARG B 255 17.49 -31.64 -17.52
CA ARG B 255 16.01 -31.80 -17.50
C ARG B 255 15.42 -31.32 -18.83
N THR B 256 14.39 -32.02 -19.27
CA THR B 256 13.62 -31.75 -20.50
C THR B 256 12.34 -31.05 -20.07
N VAL B 257 11.99 -29.96 -20.73
CA VAL B 257 10.62 -29.38 -20.66
C VAL B 257 9.81 -29.98 -21.80
N ARG B 258 8.69 -30.65 -21.47
CA ARG B 258 7.75 -31.28 -22.42
C ARG B 258 6.59 -30.30 -22.66
N ALA B 259 5.99 -30.36 -23.85
CA ALA B 259 4.86 -29.51 -24.30
C ALA B 259 3.66 -30.38 -24.65
N SER B 260 2.44 -29.93 -24.33
CA SER B 260 1.18 -30.68 -24.57
C SER B 260 0.65 -30.43 -25.97
N PHE B 261 1.22 -29.45 -26.67
CA PHE B 261 0.63 -28.83 -27.88
C PHE B 261 1.67 -28.75 -28.99
ZN ZN C . -0.65 20.90 5.27
C4 A1IS9 D . -6.70 29.44 -4.60
C2 A1IS9 D . -4.41 28.41 -4.52
N1 A1IS9 D . -3.47 24.80 -0.62
C6 A1IS9 D . -7.58 30.38 -6.61
C5 A1IS9 D . -7.76 29.99 -5.30
C8 A1IS9 D . -5.28 29.67 -6.53
O2 A1IS9 D . -1.94 23.49 5.63
S A1IS9 D . -0.91 23.79 4.69
O1 A1IS9 D . -0.02 24.87 4.96
N2 A1IS9 D . -0.02 22.46 4.51
C18 A1IS9 D . -1.68 24.15 3.13
C17 A1IS9 D . -0.92 24.11 1.98
C16 A1IS9 D . -1.50 24.38 0.76
C19 A1IS9 D . -3.04 24.46 3.07
C20 A1IS9 D . -3.62 24.72 1.84
C15 A1IS9 D . -2.87 24.67 0.66
C12 A1IS9 D . -4.82 25.36 -0.72
C11 A1IS9 D . -4.76 26.85 -0.54
C13 A1IS9 D . -2.69 25.23 -1.79
C14 A1IS9 D . -3.32 26.46 -2.46
N A1IS9 D . -3.75 27.45 -1.45
C10 A1IS9 D . -4.27 28.71 -2.00
C9 A1IS9 D . -3.70 29.10 -3.36
O A1IS9 D . -3.42 27.92 -5.44
C1 A1IS9 D . -2.91 28.99 -6.26
C3 A1IS9 D . -5.47 29.25 -5.21
C A1IS9 D . -3.96 29.45 -7.24
C7 A1IS9 D . -6.36 30.23 -7.22
ZN ZN E . 4.81 -20.04 -5.65
C4 A1IS9 F . 3.58 -26.75 3.56
C2 A1IS9 F . 4.63 -26.06 5.77
N1 A1IS9 F . 4.56 -24.46 0.60
C6 A1IS9 F . 4.75 -28.03 1.93
C5 A1IS9 F . 3.61 -27.38 2.33
C8 A1IS9 F . 5.84 -27.45 4.01
O2 A1IS9 F . 4.42 -22.95 -5.75
S A1IS9 F . 5.62 -22.85 -5.02
O1 A1IS9 F . 6.72 -23.65 -5.45
N2 A1IS9 F . 6.12 -21.33 -5.03
C18 A1IS9 F . 5.27 -23.32 -3.36
C17 A1IS9 F . 6.20 -23.00 -2.38
C16 A1IS9 F . 5.96 -23.39 -1.07
C19 A1IS9 F . 4.12 -24.04 -3.05
C20 A1IS9 F . 3.90 -24.43 -1.74
C15 A1IS9 F . 4.80 -24.11 -0.74
C12 A1IS9 F . 3.37 -23.93 1.30
C11 A1IS9 F . 3.70 -23.26 2.64
C13 A1IS9 F . 5.71 -24.92 1.39
C14 A1IS9 F . 5.91 -24.09 2.63
N A1IS9 F . 4.67 -24.04 3.39
C10 A1IS9 F . 4.87 -23.65 4.79
C9 A1IS9 F . 4.17 -24.60 5.78
O A1IS9 F . 5.80 -26.29 6.59
C1 A1IS9 F . 7.01 -26.30 5.82
C3 A1IS9 F . 4.68 -26.76 4.42
C A1IS9 F . 7.03 -27.52 4.93
C7 A1IS9 F . 5.85 -28.07 2.75
#